data_8QX6
#
_entry.id   8QX6
#
_cell.length_a   55.439
_cell.length_b   58.119
_cell.length_c   91.185
_cell.angle_alpha   90.00
_cell.angle_beta   90.00
_cell.angle_gamma   90.00
#
_symmetry.space_group_name_H-M   'P 21 21 21'
#
loop_
_entity.id
_entity.type
_entity.pdbx_description
1 polymer 'PKD domain-containing protein'
2 branched beta-D-glucopyranose-(1-3)-beta-D-glucopyranose-(1-3)-beta-D-glucopyranose
3 water water
#
_entity_poly.entity_id   1
_entity_poly.type   'polypeptide(L)'
_entity_poly.pdbx_seq_one_letter_code
;DFALPINFGADIEYTTGANSVPFEVVTNPEQSGINATDTKVGKVTNQGGQYEALTFLLDEAIDFSGSNKTITMKVYSEVA
YQVLFKLETGMNGERANEVEVSHSGNGWEELSFNFNNARNSFVQGDDANNGQPFVPTGQYDEISIFLDFAGFTAGDFYID
DIEQN
;
_entity_poly.pdbx_strand_id   A,B
#
loop_
_chem_comp.id
_chem_comp.type
_chem_comp.name
_chem_comp.formula
BGC D-saccharide, beta linking beta-D-glucopyranose 'C6 H12 O6'
#
# COMPACT_ATOMS: atom_id res chain seq x y z
N ASP A 1 6.24 4.29 -9.46
CA ASP A 1 6.07 3.49 -10.71
C ASP A 1 4.60 3.04 -10.83
N PHE A 2 3.95 2.66 -9.72
CA PHE A 2 2.49 2.37 -9.69
C PHE A 2 1.76 3.70 -9.48
N ALA A 3 1.63 4.44 -10.56
CA ALA A 3 0.95 5.75 -10.62
C ALA A 3 0.13 5.82 -11.91
N LEU A 4 -0.92 6.63 -11.96
CA LEU A 4 -1.63 6.89 -13.23
C LEU A 4 -0.63 7.47 -14.23
N PRO A 5 -0.73 7.15 -15.53
CA PRO A 5 -1.76 6.24 -16.04
C PRO A 5 -1.40 4.75 -15.81
N ILE A 6 -2.38 3.93 -15.46
CA ILE A 6 -2.17 2.47 -15.22
C ILE A 6 -2.48 1.67 -16.49
N ASN A 7 -1.45 1.08 -17.11
CA ASN A 7 -1.57 0.11 -18.22
C ASN A 7 -0.91 -1.18 -17.72
N PHE A 8 -1.70 -2.19 -17.39
CA PHE A 8 -1.26 -3.44 -16.70
C PHE A 8 -0.34 -4.27 -17.62
N GLY A 9 0.63 -4.96 -17.01
CA GLY A 9 1.49 -5.96 -17.67
C GLY A 9 2.84 -5.41 -18.08
N ALA A 10 3.13 -4.15 -17.71
CA ALA A 10 4.43 -3.46 -17.91
C ALA A 10 5.32 -3.70 -16.69
N ASP A 11 5.44 -4.97 -16.26
CA ASP A 11 6.03 -5.40 -14.96
C ASP A 11 5.63 -4.40 -13.88
N ILE A 12 4.32 -4.19 -13.71
CA ILE A 12 3.71 -3.25 -12.74
C ILE A 12 3.74 -3.91 -11.35
N GLU A 13 4.39 -3.28 -10.39
CA GLU A 13 4.32 -3.71 -8.97
C GLU A 13 3.10 -3.03 -8.36
N TYR A 14 1.92 -3.60 -8.59
CA TYR A 14 0.63 -3.03 -8.13
C TYR A 14 0.52 -3.36 -6.64
N THR A 15 -0.21 -2.55 -5.90
CA THR A 15 -0.48 -2.77 -4.47
C THR A 15 -1.99 -2.71 -4.27
N THR A 16 -2.57 -3.77 -3.71
CA THR A 16 -4.03 -3.88 -3.42
C THR A 16 -4.25 -3.72 -1.93
N GLY A 17 -5.40 -3.18 -1.51
CA GLY A 17 -5.79 -3.12 -0.10
C GLY A 17 -6.14 -4.49 0.46
N ALA A 18 -6.19 -4.58 1.80
CA ALA A 18 -6.41 -5.84 2.56
C ALA A 18 -7.70 -6.53 2.11
N ASN A 19 -8.76 -5.78 1.81
CA ASN A 19 -10.11 -6.34 1.55
C ASN A 19 -10.40 -6.39 0.04
N SER A 20 -9.41 -6.13 -0.81
CA SER A 20 -9.57 -6.12 -2.27
C SER A 20 -10.08 -7.49 -2.72
N VAL A 21 -10.97 -7.49 -3.70
CA VAL A 21 -11.35 -8.72 -4.45
C VAL A 21 -10.08 -9.17 -5.16
N PRO A 22 -9.95 -10.48 -5.45
CA PRO A 22 -8.81 -11.00 -6.20
C PRO A 22 -8.56 -10.18 -7.47
N PHE A 23 -7.29 -9.92 -7.72
CA PHE A 23 -6.80 -9.21 -8.91
C PHE A 23 -5.55 -9.92 -9.43
N GLU A 24 -5.36 -9.95 -10.73
CA GLU A 24 -4.11 -10.49 -11.32
C GLU A 24 -4.00 -9.99 -12.75
N VAL A 25 -2.77 -9.86 -13.22
CA VAL A 25 -2.48 -9.40 -14.60
C VAL A 25 -2.31 -10.66 -15.46
N VAL A 26 -3.08 -10.70 -16.55
CA VAL A 26 -3.32 -11.88 -17.40
C VAL A 26 -3.18 -11.41 -18.86
N THR A 27 -2.79 -12.31 -19.75
CA THR A 27 -2.79 -12.02 -21.20
C THR A 27 -4.25 -11.76 -21.58
N ASN A 28 -4.53 -10.69 -22.33
CA ASN A 28 -5.90 -10.25 -22.71
C ASN A 28 -6.62 -11.42 -23.38
N PRO A 29 -7.70 -11.98 -22.77
CA PRO A 29 -8.50 -13.00 -23.44
C PRO A 29 -9.55 -12.42 -24.39
N GLU A 30 -9.72 -11.09 -24.43
CA GLU A 30 -10.64 -10.40 -25.37
C GLU A 30 -9.86 -9.34 -26.12
N GLN A 31 -8.88 -9.73 -26.95
CA GLN A 31 -8.19 -8.77 -27.83
C GLN A 31 -9.15 -8.38 -28.95
N SER A 32 -10.15 -7.56 -28.60
CA SER A 32 -11.37 -7.29 -29.41
C SER A 32 -11.74 -5.81 -29.26
N GLY A 33 -12.40 -5.24 -30.27
CA GLY A 33 -12.99 -3.89 -30.23
C GLY A 33 -11.98 -2.84 -29.78
N ILE A 34 -12.40 -2.00 -28.84
CA ILE A 34 -11.67 -0.83 -28.24
C ILE A 34 -10.33 -1.25 -27.60
N ASN A 35 -10.05 -2.54 -27.36
CA ASN A 35 -8.84 -2.98 -26.61
C ASN A 35 -8.06 -4.07 -27.38
N ALA A 36 -7.92 -3.92 -28.70
CA ALA A 36 -7.42 -4.97 -29.61
C ALA A 36 -5.88 -5.02 -29.61
N THR A 37 -5.22 -3.93 -29.20
CA THR A 37 -3.74 -3.81 -29.15
C THR A 37 -3.22 -4.21 -27.77
N ASP A 38 -4.11 -4.24 -26.80
CA ASP A 38 -3.75 -4.59 -25.42
C ASP A 38 -3.42 -6.08 -25.37
N THR A 39 -2.23 -6.45 -24.91
CA THR A 39 -1.89 -7.89 -24.78
C THR A 39 -2.02 -8.33 -23.32
N LYS A 40 -1.99 -7.41 -22.35
CA LYS A 40 -2.12 -7.76 -20.90
C LYS A 40 -3.15 -6.84 -20.24
N VAL A 41 -4.01 -7.39 -19.37
CA VAL A 41 -5.10 -6.62 -18.73
C VAL A 41 -5.22 -7.06 -17.28
N GLY A 42 -6.03 -6.33 -16.52
CA GLY A 42 -6.34 -6.68 -15.12
C GLY A 42 -7.55 -7.56 -15.06
N LYS A 43 -7.44 -8.74 -14.46
CA LYS A 43 -8.55 -9.70 -14.28
C LYS A 43 -9.10 -9.48 -12.88
N VAL A 44 -10.31 -8.94 -12.79
CA VAL A 44 -11.02 -8.74 -11.50
C VAL A 44 -11.98 -9.93 -11.28
N THR A 45 -11.87 -10.63 -10.16
CA THR A 45 -12.76 -11.76 -9.81
C THR A 45 -13.74 -11.30 -8.73
N ASN A 46 -14.96 -10.92 -9.11
CA ASN A 46 -16.04 -10.65 -8.13
C ASN A 46 -16.45 -11.99 -7.50
N GLN A 47 -16.74 -12.01 -6.20
CA GLN A 47 -17.22 -13.18 -5.42
C GLN A 47 -18.73 -13.10 -5.22
N GLY A 48 -19.33 -11.94 -5.51
CA GLY A 48 -20.76 -11.70 -5.32
C GLY A 48 -21.04 -11.03 -3.98
N GLY A 49 -20.07 -10.29 -3.46
CA GLY A 49 -20.26 -9.37 -2.32
C GLY A 49 -20.90 -8.08 -2.78
N GLN A 50 -21.84 -7.57 -2.02
CA GLN A 50 -22.69 -6.48 -2.51
C GLN A 50 -21.87 -5.25 -2.90
N TYR A 51 -20.91 -4.85 -2.07
CA TYR A 51 -20.07 -3.64 -2.22
C TYR A 51 -18.60 -4.07 -2.29
N GLU A 52 -18.33 -5.22 -2.90
CA GLU A 52 -16.96 -5.73 -3.08
C GLU A 52 -16.25 -4.81 -4.09
N ALA A 53 -15.03 -4.40 -3.75
CA ALA A 53 -14.20 -3.41 -4.48
C ALA A 53 -12.82 -4.01 -4.76
N LEU A 54 -12.31 -3.73 -5.95
CA LEU A 54 -10.86 -3.75 -6.22
C LEU A 54 -10.24 -2.46 -5.67
N THR A 55 -9.34 -2.54 -4.69
CA THR A 55 -8.73 -1.37 -4.02
C THR A 55 -7.21 -1.37 -4.28
N PHE A 56 -6.71 -0.25 -4.85
CA PHE A 56 -5.30 0.00 -5.14
C PHE A 56 -4.76 1.09 -4.19
N LEU A 57 -3.58 0.87 -3.65
CA LEU A 57 -2.73 1.88 -2.97
C LEU A 57 -1.66 2.33 -3.96
N LEU A 58 -1.79 3.57 -4.43
CA LEU A 58 -0.88 4.12 -5.49
C LEU A 58 0.45 4.55 -4.87
N ASP A 59 1.56 4.43 -5.62
CA ASP A 59 2.88 4.98 -5.22
C ASP A 59 2.85 6.52 -5.18
N GLU A 60 2.07 7.15 -6.06
CA GLU A 60 1.86 8.62 -6.13
C GLU A 60 0.35 8.92 -6.09
N ALA A 61 -0.08 9.81 -5.20
CA ALA A 61 -1.48 10.25 -5.08
C ALA A 61 -1.95 10.87 -6.40
N ILE A 62 -3.22 10.69 -6.74
CA ILE A 62 -3.88 11.47 -7.83
C ILE A 62 -4.13 12.87 -7.27
N ASP A 63 -3.69 13.89 -8.02
CA ASP A 63 -3.83 15.31 -7.64
C ASP A 63 -5.08 15.86 -8.32
N PHE A 64 -6.09 16.25 -7.53
CA PHE A 64 -7.35 16.85 -8.05
C PHE A 64 -7.40 18.37 -7.81
N SER A 65 -6.27 19.01 -7.52
CA SER A 65 -6.18 20.47 -7.29
C SER A 65 -6.39 21.22 -8.61
N GLY A 66 -6.08 20.61 -9.76
CA GLY A 66 -6.28 21.22 -11.10
C GLY A 66 -7.64 20.90 -11.72
N SER A 67 -7.82 21.26 -12.99
CA SER A 67 -9.08 21.15 -13.75
C SER A 67 -9.20 19.78 -14.41
N ASN A 68 -8.15 18.95 -14.37
CA ASN A 68 -8.20 17.60 -14.96
C ASN A 68 -8.80 16.64 -13.92
N LYS A 69 -10.13 16.58 -13.83
CA LYS A 69 -10.87 15.83 -12.78
C LYS A 69 -11.53 14.57 -13.35
N THR A 70 -11.15 14.13 -14.54
CA THR A 70 -11.82 13.02 -15.24
C THR A 70 -10.88 11.81 -15.25
N ILE A 71 -11.33 10.70 -14.66
CA ILE A 71 -10.62 9.39 -14.71
C ILE A 71 -11.36 8.54 -15.74
N THR A 72 -10.62 7.98 -16.70
CA THR A 72 -11.17 7.03 -17.69
C THR A 72 -10.53 5.66 -17.45
N MET A 73 -11.28 4.62 -17.79
CA MET A 73 -10.87 3.22 -17.56
C MET A 73 -11.61 2.36 -18.56
N LYS A 74 -10.90 1.46 -19.24
CA LYS A 74 -11.52 0.39 -20.06
C LYS A 74 -11.97 -0.73 -19.14
N VAL A 75 -13.20 -1.19 -19.32
CA VAL A 75 -13.82 -2.31 -18.56
C VAL A 75 -14.49 -3.23 -19.56
N TYR A 76 -14.21 -4.53 -19.45
CA TYR A 76 -14.87 -5.61 -20.21
C TYR A 76 -15.94 -6.26 -19.35
N SER A 77 -17.18 -6.18 -19.82
CA SER A 77 -18.32 -6.91 -19.26
C SER A 77 -19.27 -7.30 -20.41
N GLU A 78 -19.76 -8.54 -20.36
CA GLU A 78 -20.89 -8.99 -21.22
C GLU A 78 -22.19 -8.85 -20.42
N VAL A 79 -22.15 -8.25 -19.23
CA VAL A 79 -23.35 -8.00 -18.37
C VAL A 79 -23.52 -6.50 -18.16
N ALA A 80 -24.75 -6.02 -18.32
CA ALA A 80 -25.10 -4.61 -18.04
C ALA A 80 -25.10 -4.45 -16.52
N TYR A 81 -24.28 -3.54 -15.99
CA TYR A 81 -24.35 -3.16 -14.56
C TYR A 81 -23.69 -1.78 -14.35
N GLN A 82 -23.82 -1.31 -13.10
CA GLN A 82 -23.20 -0.06 -12.61
C GLN A 82 -21.74 -0.33 -12.20
N VAL A 83 -20.87 0.63 -12.54
CA VAL A 83 -19.46 0.69 -12.07
C VAL A 83 -19.24 1.95 -11.25
N LEU A 84 -18.64 1.80 -10.08
CA LEU A 84 -18.27 2.94 -9.18
C LEU A 84 -16.76 3.10 -9.20
N PHE A 85 -16.31 4.33 -9.43
CA PHE A 85 -14.91 4.75 -9.18
C PHE A 85 -14.91 5.63 -7.92
N LYS A 86 -14.21 5.16 -6.89
CA LYS A 86 -14.23 5.76 -5.54
C LYS A 86 -12.81 6.19 -5.16
N LEU A 87 -12.69 7.43 -4.72
CA LEU A 87 -11.50 7.96 -3.98
C LEU A 87 -11.76 7.78 -2.49
N GLU A 88 -11.01 6.89 -1.84
CA GLU A 88 -11.12 6.75 -0.36
C GLU A 88 -10.45 7.98 0.25
N THR A 89 -10.67 8.24 1.53
CA THR A 89 -10.09 9.36 2.30
C THR A 89 -8.69 9.70 1.78
N GLY A 90 -8.47 10.97 1.46
CA GLY A 90 -7.22 11.45 0.85
C GLY A 90 -6.08 11.53 1.86
N MET A 91 -4.90 11.92 1.38
CA MET A 91 -3.63 11.98 2.14
C MET A 91 -3.76 12.94 3.33
N ASN A 92 -4.61 13.97 3.21
CA ASN A 92 -4.78 15.05 4.20
C ASN A 92 -6.15 14.91 4.86
N GLY A 93 -6.75 13.72 4.77
CA GLY A 93 -8.10 13.42 5.29
C GLY A 93 -9.21 13.91 4.37
N GLU A 94 -8.93 14.19 3.09
CA GLU A 94 -9.94 14.71 2.13
C GLU A 94 -11.09 13.69 2.02
N ARG A 95 -12.33 14.18 2.07
CA ARG A 95 -13.59 13.40 2.00
C ARG A 95 -13.55 12.36 0.87
N ALA A 96 -13.82 11.10 1.22
CA ALA A 96 -14.06 10.00 0.26
C ALA A 96 -15.22 10.40 -0.66
N ASN A 97 -15.02 10.23 -1.97
CA ASN A 97 -16.03 10.64 -2.98
C ASN A 97 -15.92 9.69 -4.18
N GLU A 98 -16.97 9.70 -5.01
CA GLU A 98 -17.18 8.63 -6.02
C GLU A 98 -18.05 9.14 -7.17
N VAL A 99 -17.85 8.52 -8.31
CA VAL A 99 -18.70 8.68 -9.52
C VAL A 99 -19.21 7.30 -9.91
N GLU A 100 -20.52 7.20 -10.14
CA GLU A 100 -21.22 5.97 -10.60
C GLU A 100 -21.65 6.14 -12.05
N VAL A 101 -21.23 5.25 -12.95
CA VAL A 101 -21.68 5.24 -14.37
C VAL A 101 -22.25 3.85 -14.71
N SER A 102 -22.83 3.70 -15.90
CA SER A 102 -23.36 2.41 -16.38
C SER A 102 -22.34 1.76 -17.31
N HIS A 103 -22.22 0.45 -17.22
CA HIS A 103 -21.61 -0.41 -18.27
C HIS A 103 -22.79 -1.07 -19.01
N SER A 104 -22.88 -0.89 -20.32
CA SER A 104 -24.06 -1.33 -21.12
C SER A 104 -23.98 -2.84 -21.41
N GLY A 105 -22.84 -3.48 -21.12
CA GLY A 105 -22.68 -4.94 -21.13
C GLY A 105 -22.27 -5.46 -22.51
N ASN A 106 -21.59 -4.66 -23.32
CA ASN A 106 -21.29 -5.00 -24.73
C ASN A 106 -19.80 -5.30 -24.90
N GLY A 107 -19.16 -5.88 -23.88
CA GLY A 107 -17.71 -6.13 -23.84
C GLY A 107 -16.92 -4.90 -23.42
N TRP A 108 -15.87 -4.54 -24.18
CA TRP A 108 -14.94 -3.45 -23.83
C TRP A 108 -15.68 -2.13 -23.97
N GLU A 109 -15.77 -1.38 -22.88
CA GLU A 109 -16.32 -0.01 -22.85
C GLU A 109 -15.31 0.92 -22.18
N GLU A 110 -15.08 2.11 -22.73
CA GLU A 110 -14.31 3.19 -22.09
C GLU A 110 -15.27 3.94 -21.15
N LEU A 111 -15.12 3.79 -19.85
CA LEU A 111 -16.01 4.47 -18.87
C LEU A 111 -15.30 5.77 -18.50
N SER A 112 -16.06 6.84 -18.30
CA SER A 112 -15.55 8.18 -17.98
C SER A 112 -16.16 8.59 -16.64
N PHE A 113 -15.30 8.84 -15.66
CA PHE A 113 -15.65 9.23 -14.29
C PHE A 113 -15.17 10.67 -14.08
N ASN A 114 -16.10 11.59 -14.33
CA ASN A 114 -15.86 13.05 -14.24
C ASN A 114 -16.17 13.49 -12.82
N PHE A 115 -15.14 13.80 -12.03
CA PHE A 115 -15.26 14.05 -10.56
C PHE A 115 -15.84 15.45 -10.35
N ASN A 116 -16.06 16.20 -11.43
CA ASN A 116 -16.90 17.43 -11.37
C ASN A 116 -18.31 17.07 -10.90
N ASN A 117 -18.75 15.82 -11.13
CA ASN A 117 -20.11 15.35 -10.79
C ASN A 117 -20.04 14.24 -9.74
N ALA A 118 -19.04 14.29 -8.86
CA ALA A 118 -18.83 13.28 -7.81
C ALA A 118 -19.84 13.55 -6.70
N ARG A 119 -19.98 12.56 -5.84
CA ARG A 119 -20.80 12.68 -4.60
C ARG A 119 -19.97 12.13 -3.43
N ASN A 120 -20.36 12.56 -2.24
CA ASN A 120 -19.86 12.04 -0.95
C ASN A 120 -20.14 10.55 -0.85
N SER A 121 -19.08 9.74 -0.72
CA SER A 121 -19.14 8.29 -0.43
C SER A 121 -19.85 8.08 0.89
N PHE A 122 -20.64 7.01 0.98
CA PHE A 122 -21.29 6.57 2.24
C PHE A 122 -20.24 6.45 3.35
N VAL A 123 -20.46 7.19 4.45
CA VAL A 123 -19.73 6.98 5.72
C VAL A 123 -20.79 6.85 6.81
N GLN A 124 -20.67 5.79 7.61
CA GLN A 124 -21.58 5.53 8.76
C GLN A 124 -21.61 6.77 9.64
N GLY A 125 -22.80 7.23 10.01
CA GLY A 125 -22.99 8.38 10.91
C GLY A 125 -22.77 9.71 10.20
N ASP A 126 -22.91 9.76 8.88
CA ASP A 126 -22.75 11.03 8.12
C ASP A 126 -23.94 11.17 7.18
N ASP A 127 -25.14 10.89 7.69
CA ASP A 127 -26.40 10.88 6.92
C ASP A 127 -26.62 12.23 6.23
N ALA A 128 -26.29 13.33 6.91
CA ALA A 128 -26.47 14.71 6.42
C ALA A 128 -25.68 14.91 5.11
N ASN A 129 -24.52 14.29 4.94
CA ASN A 129 -23.60 14.57 3.80
C ASN A 129 -23.48 13.40 2.81
N ASN A 130 -23.80 12.17 3.24
CA ASN A 130 -23.73 10.97 2.36
C ASN A 130 -24.53 11.20 1.07
N GLY A 131 -23.90 10.95 -0.08
CA GLY A 131 -24.55 11.10 -1.39
C GLY A 131 -24.77 12.54 -1.81
N GLN A 132 -24.26 13.53 -1.08
CA GLN A 132 -24.33 14.96 -1.48
C GLN A 132 -23.28 15.21 -2.56
N PRO A 133 -23.52 16.17 -3.48
CA PRO A 133 -22.53 16.51 -4.49
C PRO A 133 -21.23 17.03 -3.83
N PHE A 134 -20.10 16.74 -4.47
CA PHE A 134 -18.75 17.03 -3.96
C PHE A 134 -17.81 17.02 -5.16
N VAL A 135 -16.88 17.96 -5.21
CA VAL A 135 -15.81 17.97 -6.25
C VAL A 135 -14.49 17.88 -5.50
N PRO A 136 -13.68 16.81 -5.72
CA PRO A 136 -12.39 16.71 -5.06
C PRO A 136 -11.43 17.79 -5.58
N THR A 137 -10.55 18.26 -4.67
CA THR A 137 -9.55 19.33 -4.93
C THR A 137 -8.24 18.90 -4.29
N GLY A 138 -8.20 17.72 -3.65
CA GLY A 138 -7.09 17.25 -2.83
C GLY A 138 -6.29 16.12 -3.49
N GLN A 139 -5.50 15.43 -2.66
CA GLN A 139 -4.56 14.36 -3.08
C GLN A 139 -5.07 13.02 -2.54
N TYR A 140 -5.29 12.08 -3.44
CA TYR A 140 -5.99 10.80 -3.18
C TYR A 140 -5.09 9.65 -3.63
N ASP A 141 -4.65 8.83 -2.68
CA ASP A 141 -3.65 7.77 -2.99
C ASP A 141 -4.31 6.40 -3.05
N GLU A 142 -5.53 6.29 -2.51
CA GLU A 142 -6.28 5.01 -2.43
C GLU A 142 -7.56 5.09 -3.28
N ILE A 143 -7.65 4.23 -4.30
CA ILE A 143 -8.79 4.18 -5.26
C ILE A 143 -9.48 2.82 -5.13
N SER A 144 -10.79 2.84 -5.29
CA SER A 144 -11.64 1.64 -5.21
C SER A 144 -12.56 1.60 -6.43
N ILE A 145 -12.50 0.49 -7.15
CA ILE A 145 -13.32 0.17 -8.34
C ILE A 145 -14.33 -0.91 -7.95
N PHE A 146 -15.63 -0.59 -8.10
CA PHE A 146 -16.75 -1.52 -7.81
C PHE A 146 -17.37 -1.94 -9.16
N LEU A 147 -17.16 -3.19 -9.57
CA LEU A 147 -17.91 -3.86 -10.65
C LEU A 147 -19.25 -4.38 -10.10
N ASP A 148 -20.34 -4.04 -10.79
CA ASP A 148 -21.74 -4.29 -10.36
C ASP A 148 -21.97 -3.69 -8.95
N PHE A 149 -21.63 -2.42 -8.79
CA PHE A 149 -21.89 -1.60 -7.58
C PHE A 149 -23.32 -1.89 -7.09
N ALA A 150 -23.43 -2.39 -5.85
CA ALA A 150 -24.69 -2.60 -5.11
C ALA A 150 -25.41 -3.88 -5.57
N GLY A 151 -24.84 -4.60 -6.55
CA GLY A 151 -25.40 -5.86 -7.06
C GLY A 151 -24.62 -7.05 -6.54
N PHE A 152 -25.03 -8.27 -6.90
CA PHE A 152 -24.35 -9.50 -6.41
C PHE A 152 -23.71 -10.27 -7.56
N THR A 153 -23.45 -9.64 -8.69
CA THR A 153 -22.89 -10.38 -9.86
C THR A 153 -21.50 -10.86 -9.49
N ALA A 154 -21.23 -12.16 -9.64
CA ALA A 154 -19.90 -12.81 -9.45
C ALA A 154 -19.30 -13.07 -10.83
N GLY A 155 -18.01 -13.34 -10.92
CA GLY A 155 -17.36 -13.77 -12.18
C GLY A 155 -16.12 -12.99 -12.48
N ASP A 156 -15.44 -13.36 -13.57
CA ASP A 156 -14.24 -12.67 -14.10
C ASP A 156 -14.64 -11.51 -15.00
N PHE A 157 -14.08 -10.34 -14.76
CA PHE A 157 -14.16 -9.13 -15.59
C PHE A 157 -12.74 -8.65 -15.86
N TYR A 158 -12.56 -7.77 -16.83
CA TYR A 158 -11.23 -7.27 -17.23
C TYR A 158 -11.22 -5.75 -17.23
N ILE A 159 -10.05 -5.19 -16.91
CA ILE A 159 -9.85 -3.73 -16.67
C ILE A 159 -8.48 -3.33 -17.23
N ASP A 160 -8.37 -2.13 -17.79
CA ASP A 160 -7.07 -1.61 -18.25
C ASP A 160 -7.13 -0.12 -18.53
N ASP A 161 -5.99 0.55 -18.54
CA ASP A 161 -5.82 1.95 -19.01
C ASP A 161 -6.65 2.86 -18.10
N ILE A 162 -6.33 2.89 -16.81
CA ILE A 162 -6.87 3.91 -15.88
C ILE A 162 -6.05 5.20 -16.05
N GLU A 163 -6.67 6.29 -16.50
CA GLU A 163 -5.97 7.56 -16.84
C GLU A 163 -6.75 8.76 -16.31
N GLN A 164 -6.01 9.84 -16.08
CA GLN A 164 -6.49 11.18 -15.68
C GLN A 164 -6.37 12.11 -16.89
N ASN A 165 -7.40 12.94 -17.08
CA ASN A 165 -7.54 14.01 -18.10
C ASN A 165 -8.65 14.96 -17.65
N PHE B 2 7.48 -8.74 -3.61
CA PHE B 2 8.14 -8.05 -2.47
C PHE B 2 7.76 -8.76 -1.15
N ALA B 3 8.65 -9.59 -0.63
CA ALA B 3 8.40 -10.44 0.55
C ALA B 3 9.71 -10.64 1.32
N LEU B 4 9.64 -10.90 2.63
CA LEU B 4 10.85 -11.34 3.37
C LEU B 4 11.32 -12.66 2.74
N PRO B 5 12.64 -12.93 2.68
CA PRO B 5 13.67 -12.02 3.16
C PRO B 5 13.96 -10.87 2.20
N ILE B 6 14.19 -9.66 2.72
CA ILE B 6 14.50 -8.45 1.90
C ILE B 6 16.02 -8.22 1.86
N ASN B 7 16.61 -8.38 0.69
CA ASN B 7 18.07 -8.14 0.48
C ASN B 7 18.30 -6.92 -0.42
N PHE B 8 17.25 -6.36 -1.05
CA PHE B 8 17.33 -5.12 -1.88
C PHE B 8 18.14 -5.36 -3.17
N GLY B 9 18.43 -6.61 -3.51
CA GLY B 9 19.31 -6.96 -4.64
C GLY B 9 18.55 -7.45 -5.86
N ALA B 10 17.21 -7.46 -5.82
CA ALA B 10 16.34 -7.88 -6.94
C ALA B 10 15.94 -6.63 -7.75
N ASP B 11 15.58 -6.82 -9.03
CA ASP B 11 15.06 -5.75 -9.93
C ASP B 11 13.54 -5.65 -9.75
N ILE B 12 13.09 -5.37 -8.52
CA ILE B 12 11.66 -5.15 -8.17
C ILE B 12 11.49 -3.76 -7.55
N GLU B 13 10.24 -3.35 -7.40
CA GLU B 13 9.84 -2.17 -6.62
C GLU B 13 9.75 -2.59 -5.15
N TYR B 14 10.45 -1.87 -4.27
CA TYR B 14 10.40 -2.06 -2.80
C TYR B 14 9.35 -1.08 -2.24
N THR B 15 8.07 -1.40 -2.41
CA THR B 15 6.93 -0.44 -2.29
C THR B 15 6.96 0.20 -0.90
N THR B 16 7.00 1.54 -0.85
CA THR B 16 6.90 2.32 0.42
C THR B 16 5.48 2.88 0.56
N GLY B 17 4.99 2.98 1.79
CA GLY B 17 3.69 3.59 2.10
C GLY B 17 3.69 5.09 1.86
N ALA B 18 2.49 5.67 1.86
CA ALA B 18 2.23 7.08 1.50
C ALA B 18 3.09 8.03 2.34
N ASN B 19 3.26 7.74 3.64
CA ASN B 19 3.88 8.68 4.61
C ASN B 19 5.33 8.28 4.91
N SER B 20 5.89 7.35 4.13
CA SER B 20 7.28 6.87 4.34
C SER B 20 8.26 8.03 4.20
N VAL B 21 9.32 8.03 5.00
CA VAL B 21 10.53 8.87 4.76
C VAL B 21 11.09 8.46 3.39
N PRO B 22 11.81 9.37 2.70
CA PRO B 22 12.45 9.03 1.43
C PRO B 22 13.30 7.77 1.55
N PHE B 23 13.23 6.94 0.52
CA PHE B 23 13.91 5.64 0.46
C PHE B 23 14.44 5.43 -0.95
N GLU B 24 15.59 4.77 -1.09
CA GLU B 24 16.14 4.42 -2.41
C GLU B 24 17.11 3.25 -2.21
N VAL B 25 17.23 2.39 -3.19
CA VAL B 25 18.20 1.26 -3.19
C VAL B 25 19.45 1.74 -3.91
N VAL B 26 20.60 1.58 -3.26
CA VAL B 26 21.92 2.12 -3.69
C VAL B 26 22.95 1.03 -3.44
N THR B 27 24.01 0.99 -4.25
CA THR B 27 25.19 0.14 -4.00
C THR B 27 25.77 0.58 -2.66
N ASN B 28 26.11 -0.37 -1.78
CA ASN B 28 26.63 -0.14 -0.41
C ASN B 28 27.72 0.94 -0.40
N PRO B 29 27.43 2.13 0.20
CA PRO B 29 28.45 3.16 0.40
C PRO B 29 29.24 2.99 1.71
N GLU B 30 28.89 2.00 2.54
CA GLU B 30 29.58 1.66 3.79
C GLU B 30 30.04 0.20 3.74
N GLN B 31 30.90 -0.12 2.78
CA GLN B 31 31.56 -1.44 2.69
C GLN B 31 32.46 -1.64 3.90
N SER B 32 31.85 -1.92 5.05
CA SER B 32 32.47 -1.93 6.40
C SER B 32 31.94 -3.12 7.20
N GLY B 33 32.73 -3.64 8.13
CA GLY B 33 32.27 -4.56 9.20
C GLY B 33 31.46 -5.74 8.65
N ILE B 34 30.34 -6.05 9.31
CA ILE B 34 29.50 -7.24 8.98
C ILE B 34 28.81 -7.10 7.62
N ASN B 35 28.92 -5.97 6.91
CA ASN B 35 28.28 -5.79 5.58
C ASN B 35 29.30 -5.12 4.64
N ALA B 36 30.45 -5.76 4.46
CA ALA B 36 31.61 -5.19 3.72
C ALA B 36 31.61 -5.62 2.26
N THR B 37 30.49 -6.14 1.76
CA THR B 37 30.25 -6.49 0.33
C THR B 37 29.63 -5.27 -0.38
N ASP B 38 29.75 -5.16 -1.71
CA ASP B 38 29.02 -4.12 -2.50
C ASP B 38 27.55 -4.57 -2.68
N THR B 39 26.94 -5.24 -1.68
CA THR B 39 25.50 -5.56 -1.71
C THR B 39 24.78 -4.26 -2.05
N LYS B 40 23.56 -4.35 -2.55
CA LYS B 40 22.74 -3.13 -2.66
C LYS B 40 22.08 -3.06 -1.28
N VAL B 41 21.82 -1.88 -0.77
CA VAL B 41 21.26 -1.66 0.59
C VAL B 41 20.16 -0.61 0.44
N GLY B 42 19.35 -0.48 1.48
CA GLY B 42 18.31 0.53 1.53
C GLY B 42 18.85 1.80 2.18
N LYS B 43 18.76 2.93 1.48
CA LYS B 43 19.18 4.25 1.99
C LYS B 43 17.95 4.95 2.55
N VAL B 44 17.90 5.10 3.87
CA VAL B 44 16.79 5.78 4.59
C VAL B 44 17.21 7.23 4.85
N THR B 45 16.41 8.21 4.44
CA THR B 45 16.68 9.64 4.69
C THR B 45 15.77 10.14 5.83
N ASN B 46 16.26 10.15 7.06
CA ASN B 46 15.53 10.82 8.16
C ASN B 46 15.56 12.33 7.89
N GLN B 47 14.41 13.00 8.02
CA GLN B 47 14.26 14.46 7.79
C GLN B 47 14.14 15.19 9.13
N GLY B 48 14.24 14.47 10.25
CA GLY B 48 14.27 15.05 11.60
C GLY B 48 12.89 15.11 12.23
N GLY B 49 11.96 14.29 11.74
CA GLY B 49 10.64 14.10 12.35
C GLY B 49 10.70 13.16 13.51
N GLN B 50 10.05 13.51 14.61
CA GLN B 50 9.76 12.54 15.68
C GLN B 50 8.75 11.55 15.06
N TYR B 51 9.08 10.28 15.16
CA TYR B 51 8.22 9.14 14.76
C TYR B 51 8.16 9.06 13.23
N GLU B 52 9.11 9.64 12.51
CA GLU B 52 9.25 9.40 11.06
C GLU B 52 9.67 7.93 10.88
N ALA B 53 9.00 7.24 9.97
CA ALA B 53 9.10 5.78 9.70
C ALA B 53 9.33 5.54 8.22
N LEU B 54 10.22 4.59 7.92
CA LEU B 54 10.23 3.86 6.63
C LEU B 54 9.13 2.81 6.67
N THR B 55 8.12 2.92 5.78
CA THR B 55 6.97 1.98 5.71
C THR B 55 7.04 1.20 4.40
N PHE B 56 7.05 -0.14 4.50
CA PHE B 56 6.99 -1.08 3.33
C PHE B 56 5.60 -1.70 3.26
N LEU B 57 5.08 -1.78 2.04
CA LEU B 57 3.83 -2.49 1.70
C LEU B 57 4.22 -3.79 1.00
N LEU B 58 4.19 -4.91 1.73
CA LEU B 58 4.68 -6.22 1.26
C LEU B 58 3.61 -6.85 0.36
N ASP B 59 4.03 -7.60 -0.67
CA ASP B 59 3.15 -8.43 -1.52
C ASP B 59 2.73 -9.69 -0.76
N GLU B 60 3.57 -10.21 0.13
CA GLU B 60 3.27 -11.41 0.96
C GLU B 60 3.37 -11.02 2.44
N ALA B 61 2.32 -11.27 3.22
CA ALA B 61 2.30 -10.94 4.66
C ALA B 61 3.35 -11.78 5.38
N ILE B 62 3.95 -11.22 6.43
CA ILE B 62 4.74 -11.98 7.42
C ILE B 62 3.76 -12.77 8.28
N ASP B 63 3.99 -14.08 8.38
CA ASP B 63 3.11 -15.02 9.13
C ASP B 63 3.70 -15.21 10.52
N PHE B 64 2.99 -14.77 11.58
CA PHE B 64 3.45 -14.93 12.98
C PHE B 64 2.66 -16.02 13.72
N SER B 65 1.98 -16.90 12.99
CA SER B 65 1.15 -17.98 13.58
C SER B 65 2.07 -19.04 14.21
N GLY B 66 3.30 -19.19 13.71
CA GLY B 66 4.29 -20.17 14.20
C GLY B 66 5.24 -19.58 15.25
N SER B 67 6.28 -20.33 15.60
CA SER B 67 7.25 -20.03 16.67
C SER B 67 8.40 -19.16 16.14
N ASN B 68 8.50 -18.97 14.82
CA ASN B 68 9.54 -18.10 14.24
C ASN B 68 9.05 -16.64 14.29
N LYS B 69 9.27 -15.95 15.42
CA LYS B 69 8.71 -14.61 15.70
C LYS B 69 9.83 -13.56 15.69
N THR B 70 11.03 -13.93 15.22
CA THR B 70 12.20 -13.01 15.31
C THR B 70 12.50 -12.45 13.92
N ILE B 71 12.45 -11.13 13.79
CA ILE B 71 12.87 -10.40 12.57
C ILE B 71 14.25 -9.83 12.86
N THR B 72 15.23 -10.09 11.97
CA THR B 72 16.58 -9.50 12.07
C THR B 72 16.76 -8.57 10.87
N MET B 73 17.63 -7.59 11.06
CA MET B 73 17.85 -6.51 10.08
C MET B 73 19.25 -5.95 10.36
N LYS B 74 20.06 -5.77 9.31
CA LYS B 74 21.31 -4.99 9.40
C LYS B 74 20.95 -3.51 9.28
N VAL B 75 21.50 -2.70 10.18
CA VAL B 75 21.34 -1.21 10.19
C VAL B 75 22.74 -0.61 10.36
N TYR B 76 23.06 0.37 9.51
CA TYR B 76 24.28 1.18 9.60
C TYR B 76 23.93 2.51 10.29
N SER B 77 24.57 2.75 11.42
CA SER B 77 24.52 4.02 12.16
C SER B 77 25.87 4.25 12.84
N GLU B 78 26.38 5.48 12.74
CA GLU B 78 27.52 5.98 13.52
C GLU B 78 26.99 6.73 14.74
N VAL B 79 25.66 6.70 14.99
CA VAL B 79 25.02 7.39 16.16
C VAL B 79 24.30 6.35 17.00
N ALA B 80 24.50 6.39 18.31
CA ALA B 80 23.79 5.51 19.26
C ALA B 80 22.34 6.00 19.33
N TYR B 81 21.37 5.16 18.97
CA TYR B 81 19.94 5.46 19.14
C TYR B 81 19.12 4.17 19.17
N GLN B 82 17.84 4.35 19.47
CA GLN B 82 16.81 3.28 19.45
C GLN B 82 16.30 3.07 18.02
N VAL B 83 16.08 1.81 17.66
CA VAL B 83 15.35 1.41 16.43
C VAL B 83 14.07 0.65 16.81
N LEU B 84 12.95 1.03 16.18
CA LEU B 84 11.65 0.33 16.32
C LEU B 84 11.37 -0.43 15.03
N PHE B 85 11.04 -1.71 15.17
CA PHE B 85 10.40 -2.52 14.09
C PHE B 85 8.94 -2.72 14.47
N LYS B 86 8.05 -2.18 13.64
CA LYS B 86 6.60 -2.09 13.91
C LYS B 86 5.84 -2.85 12.85
N LEU B 87 4.90 -3.70 13.28
CA LEU B 87 3.84 -4.29 12.44
C LEU B 87 2.60 -3.37 12.54
N GLU B 88 2.24 -2.71 11.44
CA GLU B 88 0.97 -1.95 11.36
C GLU B 88 -0.17 -2.98 11.37
N THR B 89 -1.39 -2.55 11.65
CA THR B 89 -2.62 -3.37 11.62
C THR B 89 -2.51 -4.44 10.54
N GLY B 90 -2.73 -5.69 10.93
CA GLY B 90 -2.56 -6.86 10.04
C GLY B 90 -3.67 -6.97 9.02
N MET B 91 -3.54 -7.92 8.10
CA MET B 91 -4.46 -8.16 6.96
C MET B 91 -5.89 -8.39 7.45
N ASN B 92 -6.06 -8.93 8.66
CA ASN B 92 -7.34 -9.37 9.25
C ASN B 92 -7.67 -8.45 10.42
N GLY B 93 -7.06 -7.25 10.45
CA GLY B 93 -7.24 -6.26 11.52
C GLY B 93 -6.43 -6.56 12.79
N GLU B 94 -5.39 -7.42 12.70
CA GLU B 94 -4.58 -7.82 13.88
C GLU B 94 -3.90 -6.58 14.47
N ARG B 95 -3.91 -6.46 15.80
CA ARG B 95 -3.34 -5.31 16.58
C ARG B 95 -1.93 -4.96 16.10
N ALA B 96 -1.69 -3.69 15.78
CA ALA B 96 -0.36 -3.11 15.50
C ALA B 96 0.51 -3.32 16.73
N ASN B 97 1.73 -3.80 16.52
CA ASN B 97 2.67 -4.12 17.63
C ASN B 97 4.12 -3.97 17.17
N GLU B 98 5.04 -3.88 18.12
CA GLU B 98 6.41 -3.38 17.83
C GLU B 98 7.41 -3.91 18.85
N VAL B 99 8.66 -3.97 18.43
CA VAL B 99 9.84 -4.25 19.28
C VAL B 99 10.83 -3.10 19.11
N GLU B 100 11.30 -2.57 20.23
CA GLU B 100 12.31 -1.47 20.31
C GLU B 100 13.62 -2.04 20.84
N VAL B 101 14.71 -1.88 20.09
CA VAL B 101 16.07 -2.30 20.51
C VAL B 101 17.04 -1.13 20.40
N SER B 102 18.25 -1.30 20.91
CA SER B 102 19.38 -0.35 20.92
C SER B 102 20.24 -0.54 19.66
N HIS B 103 20.61 0.52 18.94
CA HIS B 103 21.79 0.53 18.02
C HIS B 103 22.92 1.26 18.75
N SER B 104 24.07 0.61 18.95
CA SER B 104 25.16 1.13 19.82
C SER B 104 25.96 2.20 19.07
N GLY B 105 25.75 2.34 17.76
CA GLY B 105 26.24 3.46 16.93
C GLY B 105 27.61 3.15 16.36
N ASN B 106 27.96 1.88 16.13
CA ASN B 106 29.34 1.49 15.71
C ASN B 106 29.32 1.01 14.26
N GLY B 107 28.50 1.62 13.41
CA GLY B 107 28.32 1.27 11.99
C GLY B 107 27.33 0.12 11.81
N TRP B 108 27.68 -0.89 11.00
CA TRP B 108 26.77 -2.01 10.65
C TRP B 108 26.55 -2.86 11.90
N GLU B 109 25.30 -2.98 12.32
CA GLU B 109 24.92 -3.84 13.48
C GLU B 109 23.73 -4.71 13.03
N GLU B 110 23.75 -5.99 13.39
CA GLU B 110 22.61 -6.90 13.17
C GLU B 110 21.65 -6.74 14.36
N LEU B 111 20.50 -6.12 14.16
CA LEU B 111 19.50 -5.92 15.23
C LEU B 111 18.52 -7.10 15.17
N SER B 112 18.02 -7.52 16.33
CA SER B 112 17.15 -8.70 16.49
C SER B 112 15.86 -8.24 17.17
N PHE B 113 14.73 -8.40 16.47
CA PHE B 113 13.39 -7.98 16.92
C PHE B 113 12.57 -9.24 17.15
N ASN B 114 12.61 -9.74 18.39
CA ASN B 114 11.91 -10.95 18.86
C ASN B 114 10.50 -10.56 19.30
N PHE B 115 9.48 -10.92 18.52
CA PHE B 115 8.09 -10.45 18.74
C PHE B 115 7.45 -11.26 19.87
N ASN B 116 8.15 -12.27 20.40
CA ASN B 116 7.81 -12.86 21.72
C ASN B 116 7.80 -11.77 22.79
N ASN B 117 8.54 -10.67 22.58
CA ASN B 117 8.73 -9.59 23.59
C ASN B 117 8.17 -8.28 23.05
N ALA B 118 7.12 -8.33 22.20
CA ALA B 118 6.58 -7.16 21.51
C ALA B 118 5.66 -6.43 22.49
N ARG B 119 5.27 -5.22 22.12
CA ARG B 119 4.25 -4.42 22.86
C ARG B 119 3.25 -3.86 21.86
N ASN B 120 2.07 -3.52 22.36
CA ASN B 120 1.01 -2.79 21.62
C ASN B 120 1.52 -1.43 21.17
N SER B 121 1.49 -1.17 19.87
CA SER B 121 1.79 0.15 19.26
C SER B 121 0.76 1.18 19.77
N PHE B 122 1.17 2.43 19.96
CA PHE B 122 0.24 3.54 20.33
C PHE B 122 -0.92 3.57 19.33
N VAL B 123 -2.14 3.53 19.85
CA VAL B 123 -3.39 3.82 19.10
C VAL B 123 -4.16 4.83 19.96
N GLN B 124 -4.49 5.99 19.39
CA GLN B 124 -5.17 7.10 20.10
C GLN B 124 -6.34 6.53 20.91
N GLY B 125 -6.39 6.80 22.21
CA GLY B 125 -7.54 6.48 23.08
C GLY B 125 -7.42 5.12 23.76
N ASP B 126 -6.54 4.23 23.28
CA ASP B 126 -6.45 2.82 23.72
C ASP B 126 -5.49 2.75 24.91
N ASP B 127 -5.76 3.54 25.94
CA ASP B 127 -4.93 3.72 27.16
C ASP B 127 -4.70 2.37 27.83
N ALA B 128 -5.72 1.52 27.88
CA ALA B 128 -5.67 0.23 28.61
C ALA B 128 -4.61 -0.67 27.97
N ASN B 129 -4.39 -0.58 26.66
CA ASN B 129 -3.57 -1.56 25.90
C ASN B 129 -2.30 -0.94 25.32
N ASN B 130 -2.24 0.38 25.12
CA ASN B 130 -1.06 1.06 24.51
C ASN B 130 0.19 0.75 25.33
N GLY B 131 1.24 0.28 24.64
CA GLY B 131 2.54 -0.01 25.28
C GLY B 131 2.51 -1.25 26.17
N GLN B 132 1.40 -2.01 26.22
CA GLN B 132 1.30 -3.25 27.04
C GLN B 132 1.94 -4.38 26.24
N PRO B 133 2.52 -5.40 26.89
CA PRO B 133 3.07 -6.56 26.20
C PRO B 133 1.98 -7.26 25.35
N PHE B 134 2.39 -7.78 24.19
CA PHE B 134 1.52 -8.42 23.18
C PHE B 134 2.44 -9.30 22.32
N VAL B 135 1.98 -10.49 21.93
CA VAL B 135 2.74 -11.37 21.00
C VAL B 135 1.85 -11.59 19.78
N PRO B 136 2.30 -11.18 18.57
CA PRO B 136 1.51 -11.43 17.37
C PRO B 136 1.42 -12.92 16.99
N THR B 137 0.31 -13.28 16.35
CA THR B 137 -0.02 -14.65 15.87
C THR B 137 -0.61 -14.54 14.47
N GLY B 138 -0.75 -13.32 13.95
CA GLY B 138 -1.47 -13.01 12.71
C GLY B 138 -0.57 -12.80 11.49
N GLN B 139 -1.19 -12.28 10.44
CA GLN B 139 -0.56 -12.00 9.11
C GLN B 139 -0.44 -10.48 8.98
N TYR B 140 0.79 -10.00 8.80
CA TYR B 140 1.16 -8.56 8.79
C TYR B 140 1.88 -8.24 7.47
N ASP B 141 1.26 -7.39 6.65
CA ASP B 141 1.73 -7.10 5.27
C ASP B 141 2.26 -5.66 5.20
N GLU B 142 2.07 -4.89 6.27
CA GLU B 142 2.63 -3.52 6.36
C GLU B 142 3.60 -3.43 7.55
N ILE B 143 4.87 -3.13 7.27
CA ILE B 143 5.93 -2.99 8.33
C ILE B 143 6.49 -1.58 8.32
N SER B 144 6.86 -1.10 9.50
CA SER B 144 7.38 0.27 9.70
C SER B 144 8.64 0.21 10.55
N ILE B 145 9.72 0.77 10.02
CA ILE B 145 11.05 0.88 10.65
C ILE B 145 11.30 2.33 11.05
N PHE B 146 11.54 2.56 12.34
CA PHE B 146 11.84 3.90 12.91
C PHE B 146 13.32 3.91 13.33
N LEU B 147 14.16 4.63 12.58
CA LEU B 147 15.55 4.99 12.99
C LEU B 147 15.51 6.20 13.92
N ASP B 148 16.20 6.09 15.07
CA ASP B 148 16.21 7.07 16.17
C ASP B 148 14.77 7.29 16.64
N PHE B 149 14.09 6.19 16.94
CA PHE B 149 12.70 6.17 17.44
C PHE B 149 12.61 7.20 18.57
N ALA B 150 11.71 8.17 18.44
CA ALA B 150 11.36 9.18 19.46
C ALA B 150 12.41 10.31 19.51
N GLY B 151 13.48 10.24 18.70
CA GLY B 151 14.47 11.31 18.53
C GLY B 151 14.24 12.11 17.24
N PHE B 152 15.08 13.11 16.99
CA PHE B 152 14.96 14.00 15.81
C PHE B 152 16.22 13.91 14.95
N THR B 153 16.96 12.80 14.97
CA THR B 153 18.20 12.68 14.13
C THR B 153 17.82 12.77 12.65
N ALA B 154 18.39 13.72 11.89
CA ALA B 154 18.30 13.82 10.42
C ALA B 154 19.58 13.27 9.78
N GLY B 155 19.52 12.86 8.52
CA GLY B 155 20.67 12.24 7.82
C GLY B 155 20.34 10.89 7.22
N ASP B 156 21.25 10.41 6.38
CA ASP B 156 21.17 9.12 5.66
C ASP B 156 21.65 7.98 6.57
N PHE B 157 20.88 6.91 6.63
CA PHE B 157 21.24 5.61 7.24
C PHE B 157 21.01 4.53 6.19
N TYR B 158 21.53 3.34 6.44
CA TYR B 158 21.45 2.20 5.52
C TYR B 158 20.89 0.99 6.26
N ILE B 159 20.11 0.20 5.52
CA ILE B 159 19.50 -1.07 5.99
C ILE B 159 19.68 -2.15 4.95
N ASP B 160 19.70 -3.41 5.41
CA ASP B 160 19.83 -4.58 4.52
C ASP B 160 19.35 -5.82 5.26
N ASP B 161 19.00 -6.86 4.51
CA ASP B 161 18.83 -8.24 5.02
C ASP B 161 17.79 -8.25 6.14
N ILE B 162 16.56 -7.84 5.85
CA ILE B 162 15.41 -8.03 6.79
C ILE B 162 14.91 -9.47 6.61
N GLU B 163 15.00 -10.29 7.66
CA GLU B 163 14.64 -11.72 7.58
CA GLU B 163 14.72 -11.74 7.61
C GLU B 163 13.92 -12.16 8.86
N GLN B 164 13.15 -13.24 8.72
CA GLN B 164 12.36 -13.94 9.76
C GLN B 164 13.09 -15.24 10.13
N ASN B 165 13.08 -15.60 11.42
CA ASN B 165 13.66 -16.80 12.08
C ASN B 165 13.01 -16.94 13.47
C2 BGC C . -16.06 -1.84 1.11
C3 BGC C . -16.13 -0.41 0.59
C4 BGC C . -14.81 0.30 0.79
C5 BGC C . -13.61 -0.57 0.33
C6 BGC C . -12.36 -0.03 1.01
C1 BGC C . -14.99 -2.56 0.26
O1 BGC C . -15.02 -3.97 0.45
O2 BGC C . -17.33 -2.46 0.98
O3 BGC C . -17.11 0.30 1.35
O4 BGC C . -14.82 1.58 0.10
O5 BGC C . -13.74 -1.97 0.65
O6 BGC C . -11.79 -0.95 1.94
H2 BGC C . -15.81 -1.89 2.05
H3 BGC C . -16.35 -0.43 -0.35
H4 BGC C . -14.68 0.45 1.74
H5 BGC C . -13.57 -0.51 -0.64
H61 BGC C . -12.56 0.80 1.46
H62 BGC C . -11.69 0.18 0.33
H1 BGC C . -15.15 -2.45 -0.69
HO1 BGC C . -14.31 -4.31 0.15
HO2 BGC C . -17.44 -2.71 0.18
HO4 BGC C . -14.04 1.79 -0.13
HO6 BGC C . -12.18 -1.69 1.87
C2 BGC C . -19.36 0.86 1.68
C3 BGC C . -20.68 1.14 1.00
C4 BGC C . -20.44 2.26 0.00
C5 BGC C . -19.37 1.85 -1.00
C6 BGC C . -19.08 2.98 -1.99
C1 BGC C . -18.31 0.48 0.65
O2 BGC C . -19.56 -0.18 2.61
O3 BGC C . -21.58 1.50 2.05
O4 BGC C . -21.65 2.46 -0.69
O5 BGC C . -18.18 1.55 -0.29
O6 BGC C . -18.66 4.18 -1.35
H2 BGC C . -19.04 1.65 2.14
H3 BGC C . -21.06 0.39 0.49
H4 BGC C . -20.14 3.05 0.48
H5 BGC C . -19.69 1.09 -1.50
H61 BGC C . -19.89 3.15 -2.51
H62 BGC C . -18.40 2.68 -2.61
HO2 BGC C . -20.34 -0.12 2.93
HO4 BGC C . -22.24 2.70 -0.14
HO6 BGC C . -18.55 4.78 -1.94
C2 BGC C . -23.64 1.32 3.14
C3 BGC C . -25.11 1.01 3.06
C4 BGC C . -25.70 1.98 2.05
C5 BGC C . -24.90 2.05 0.72
C6 BGC C . -25.26 3.19 -0.22
C1 BGC C . -22.95 1.23 1.79
O2 BGC C . -22.99 0.45 4.03
O3 BGC C . -25.73 1.18 4.36
O4 BGC C . -27.03 1.54 1.80
O5 BGC C . -23.51 2.23 0.96
O6 BGC C . -24.08 3.97 -0.50
H2 BGC C . -23.58 2.24 3.46
H3 BGC C . -25.27 0.10 2.78
H4 BGC C . -25.67 2.89 2.41
H5 BGC C . -25.12 1.19 0.31
H62 BGC C . -26.01 2.94 -0.78
HO2 BGC C . -22.17 0.45 3.87
HO3 BGC C . -26.55 1.00 4.31
HO4 BGC C . -27.42 2.08 1.29
HO6 BGC C . -24.52 3.38 -0.82
C2 BGC D . 3.53 7.51 11.82
C3 BGC D . 3.69 6.21 12.61
C4 BGC D . 3.16 5.04 11.78
C5 BGC D . 3.67 5.07 10.33
C6 BGC D . 2.71 4.21 9.49
C1 BGC D . 4.40 7.37 10.55
O1 BGC D . 4.56 8.62 9.89
O2 BGC D . 3.98 8.59 12.63
O3 BGC D . 2.90 6.29 13.79
O4 BGC D . 3.49 3.78 12.44
O5 BGC D . 3.71 6.39 9.75
O6 BGC D . 1.97 4.97 8.53
H2 BGC D . 2.61 7.70 11.59
H3 BGC D . 4.63 6.07 12.80
H4 BGC D . 2.19 5.12 11.75
H5 BGC D . 4.58 4.73 10.33
H61 BGC D . 2.10 3.74 10.08
H62 BGC D . 3.23 3.53 9.02
H1 BGC D . 5.30 7.08 10.75
HO1 BGC D . 4.84 8.49 9.10
HO2 BGC D . 4.81 8.63 12.62
HO4 BGC D . 3.57 3.18 11.86
HO6 BGC D . 2.26 5.76 8.52
C2 BGC D . 2.74 6.97 16.03
C3 BGC D . 3.50 7.17 17.32
C4 BGC D . 4.14 5.84 17.66
C5 BGC D . 5.07 5.40 16.55
C6 BGC D . 5.71 4.05 16.86
C1 BGC D . 3.69 6.50 14.93
O2 BGC D . 2.12 8.19 15.68
O3 BGC D . 2.51 7.59 18.27
O4 BGC D . 4.91 6.05 18.83
O5 BGC D . 4.31 5.29 15.36
O6 BGC D . 4.75 3.02 17.08
H2 BGC D . 2.06 6.29 16.13
H3 BGC D . 4.21 7.83 17.29
H4 BGC D . 3.46 5.18 17.79
H5 BGC D . 5.78 6.05 16.45
H61 BGC D . 6.27 4.14 17.65
H62 BGC D . 6.29 3.80 16.13
HO2 BGC D . 1.90 8.60 16.38
HO4 BGC D . 4.41 6.29 19.46
HO6 BGC D . 5.15 2.31 17.28
C2 BGC D . 1.77 9.02 19.97
C3 BGC D . 2.11 9.94 21.10
C4 BGC D . 2.92 9.13 22.10
C5 BGC D . 4.07 8.34 21.43
C6 BGC D . 4.74 7.29 22.32
C1 BGC D . 3.00 8.39 19.33
O2 BGC D . 1.05 9.69 18.97
O3 BGC D . 0.90 10.46 21.70
O4 BGC D . 3.43 10.06 23.04
O5 BGC D . 3.62 7.60 20.31
O6 BGC D . 3.75 6.67 23.18
H2 BGC D . 1.23 8.31 20.36
H3 BGC D . 2.62 10.71 20.79
H4 BGC D . 2.35 8.46 22.51
H5 BGC D . 4.72 9.04 21.22
H61 BGC D . 5.44 7.70 22.86
H62 BGC D . 5.18 6.61 21.78
HO2 BGC D . 1.09 9.25 18.25
HO3 BGC D . 1.09 10.98 22.34
HO4 BGC D . 3.83 9.65 23.65
HO6 BGC D . 4.12 6.10 23.66
#